data_4XSV
#
_entry.id   4XSV
#
_cell.length_a   73.390
_cell.length_b   73.390
_cell.length_c   140.030
_cell.angle_alpha   90.00
_cell.angle_beta   90.00
_cell.angle_gamma   90.00
#
_symmetry.space_group_name_H-M   'P 41 21 2'
#
loop_
_entity.id
_entity.type
_entity.pdbx_description
1 polymer 'Ethanolamine-phosphate cytidylyltransferase'
2 non-polymer "CYTIDINE-5'-MONOPHOSPHATE"
3 non-polymer "CYTIDINE-5'-TRIPHOSPHATE"
4 non-polymer GLYCEROL
5 water water
#
_entity_poly.entity_id   1
_entity_poly.type   'polypeptide(L)'
_entity_poly.pdbx_seq_one_letter_code
;SMGGRRAVRVWCDGCYDMVHYGHSNQLRQARAMGDYLIVGVHTDEEIAKHKGPPVFTQEERYKMVQAIKWVDEVVPAAPY
VTTLETLDKYNCDFCVHGNDITLTVDGRDTYEEVKQAGRYRECKRTQGVSTTDLVGRMLLVTKAHHSSQEMSSEYREYAD
SFGKCPGGRNPWTGVSQFLQTSQKIIQFASGKEPQPGETVIYVAGAFDLFHIGHVDFLEKVHRLAERPYIIAGLHFDQEV
NHYKGKNYPIMNLHERTLSVLACRYVSEVVIGAPYAVTAELLSHFKVDLVCHGKTEIIPDRDGSDPYQEPKRRGIFRQID
SGSNLTTDLIVQRIITNRLEY
;
_entity_poly.pdbx_strand_id   A
#
# COMPACT_ATOMS: atom_id res chain seq x y z
N GLY A 4 29.28 14.88 -7.96
CA GLY A 4 28.17 14.04 -8.48
C GLY A 4 28.61 12.59 -8.57
N ARG A 5 27.95 11.74 -7.81
CA ARG A 5 28.20 10.30 -7.91
C ARG A 5 27.47 9.71 -9.14
N ARG A 6 27.93 8.55 -9.58
CA ARG A 6 27.30 7.75 -10.63
C ARG A 6 26.07 6.98 -10.12
N ALA A 7 24.95 7.10 -10.83
CA ALA A 7 23.68 6.58 -10.31
C ALA A 7 23.49 5.10 -10.52
N VAL A 8 23.04 4.44 -9.46
CA VAL A 8 22.70 3.03 -9.51
C VAL A 8 21.19 2.89 -9.69
N ARG A 9 20.82 2.40 -10.86
CA ARG A 9 19.43 2.13 -11.18
C ARG A 9 19.18 0.66 -10.89
N VAL A 10 17.98 0.37 -10.37
CA VAL A 10 17.61 -0.90 -9.76
C VAL A 10 16.29 -1.44 -10.34
N TRP A 11 16.25 -2.73 -10.58
CA TRP A 11 15.07 -3.34 -11.19
C TRP A 11 14.37 -4.34 -10.26
N CYS A 12 13.04 -4.32 -10.20
CA CYS A 12 12.30 -5.46 -9.65
C CYS A 12 11.29 -5.87 -10.66
N ASP A 13 10.77 -7.10 -10.56
CA ASP A 13 9.50 -7.41 -11.23
C ASP A 13 8.66 -8.47 -10.53
N GLY A 14 7.39 -8.56 -10.91
CA GLY A 14 6.45 -9.50 -10.31
C GLY A 14 5.04 -9.19 -10.74
N CYS A 15 4.07 -9.91 -10.18
CA CYS A 15 2.64 -9.72 -10.50
C CYS A 15 2.08 -8.61 -9.66
N TYR A 16 2.53 -8.49 -8.41
CA TYR A 16 2.08 -7.44 -7.54
C TYR A 16 0.55 -7.44 -7.51
N ASP A 17 0.01 -8.64 -7.28
CA ASP A 17 -1.43 -8.90 -7.38
C ASP A 17 -2.02 -8.86 -5.99
N MET A 18 -2.64 -7.74 -5.64
CA MET A 18 -3.16 -7.52 -4.29
C MET A 18 -1.98 -7.12 -3.45
N VAL A 19 -1.62 -5.85 -3.48
CA VAL A 19 -0.37 -5.38 -2.92
C VAL A 19 -0.53 -5.17 -1.42
N HIS A 20 0.44 -5.66 -0.67
CA HIS A 20 0.44 -5.59 0.79
C HIS A 20 1.83 -5.11 1.24
N TYR A 21 1.98 -4.82 2.51
CA TYR A 21 3.21 -4.25 3.01
C TYR A 21 4.49 -5.09 2.85
N GLY A 22 4.35 -6.38 2.58
CA GLY A 22 5.49 -7.17 2.13
C GLY A 22 5.97 -6.77 0.73
N HIS A 23 5.05 -6.57 -0.19
CA HIS A 23 5.47 -6.04 -1.47
C HIS A 23 6.18 -4.72 -1.22
N SER A 24 5.61 -3.88 -0.37
CA SER A 24 6.18 -2.54 -0.16
C SER A 24 7.53 -2.53 0.56
N ASN A 25 7.73 -3.50 1.44
CA ASN A 25 8.96 -3.60 2.16
C ASN A 25 10.05 -4.14 1.26
N GLN A 26 9.69 -5.00 0.33
CA GLN A 26 10.67 -5.48 -0.63
C GLN A 26 11.08 -4.37 -1.59
N LEU A 27 10.14 -3.48 -1.93
CA LEU A 27 10.47 -2.40 -2.86
C LEU A 27 11.34 -1.35 -2.17
N ARG A 28 11.00 -1.03 -0.92
CA ARG A 28 11.85 -0.21 -0.04
C ARG A 28 13.25 -0.75 0.04
N GLN A 29 13.34 -2.07 0.26
CA GLN A 29 14.65 -2.72 0.41
C GLN A 29 15.44 -2.67 -0.88
N ALA A 30 14.77 -2.89 -2.00
CA ALA A 30 15.41 -2.84 -3.30
C ALA A 30 15.89 -1.43 -3.65
N ARG A 31 15.09 -0.43 -3.28
CA ARG A 31 15.43 0.98 -3.55
C ARG A 31 16.57 1.49 -2.67
N ALA A 32 16.68 0.95 -1.47
CA ALA A 32 17.81 1.22 -0.59
C ALA A 32 19.15 0.80 -1.19
N MET A 33 19.12 -0.11 -2.15
CA MET A 33 20.36 -0.69 -2.73
C MET A 33 21.00 0.17 -3.80
N GLY A 34 20.31 1.27 -4.13
CA GLY A 34 20.78 2.18 -5.14
C GLY A 34 20.09 3.52 -5.04
N ASP A 35 20.02 4.20 -6.18
CA ASP A 35 19.44 5.54 -6.25
C ASP A 35 18.07 5.62 -6.85
N TYR A 36 17.64 4.59 -7.56
CA TYR A 36 16.45 4.74 -8.38
C TYR A 36 15.86 3.38 -8.64
N LEU A 37 14.57 3.22 -8.39
CA LEU A 37 13.90 1.94 -8.60
C LEU A 37 12.92 1.96 -9.79
N ILE A 38 13.09 1.01 -10.69
CA ILE A 38 12.17 0.72 -11.79
C ILE A 38 11.50 -0.63 -11.55
N VAL A 39 10.20 -0.74 -11.79
CA VAL A 39 9.51 -2.00 -11.48
C VAL A 39 8.73 -2.52 -12.66
N GLY A 40 8.99 -3.77 -13.02
CA GLY A 40 8.30 -4.41 -14.11
C GLY A 40 7.09 -5.18 -13.61
N VAL A 41 5.95 -4.97 -14.25
CA VAL A 41 4.75 -5.68 -13.90
C VAL A 41 4.20 -6.44 -15.07
N HIS A 42 3.84 -7.71 -14.86
CA HIS A 42 3.38 -8.55 -15.97
C HIS A 42 1.89 -8.33 -16.28
N THR A 43 1.53 -8.66 -17.51
CA THR A 43 0.16 -8.50 -17.99
C THR A 43 -0.71 -9.59 -17.43
N ASP A 44 -2.02 -9.43 -17.54
CA ASP A 44 -2.98 -10.51 -17.20
C ASP A 44 -2.67 -11.77 -18.00
N GLU A 45 -2.57 -11.58 -19.31
CA GLU A 45 -2.35 -12.68 -20.24
C GLU A 45 -1.09 -13.46 -19.87
N GLU A 46 -0.02 -12.73 -19.56
CA GLU A 46 1.27 -13.36 -19.21
C GLU A 46 1.22 -14.12 -17.90
N ILE A 47 0.52 -13.60 -16.90
CA ILE A 47 0.38 -14.30 -15.63
C ILE A 47 -0.43 -15.59 -15.83
N ALA A 48 -1.52 -15.49 -16.58
CA ALA A 48 -2.34 -16.65 -16.94
C ALA A 48 -1.54 -17.84 -17.54
N LYS A 49 -0.60 -17.58 -18.44
CA LYS A 49 0.17 -18.65 -19.04
C LYS A 49 0.89 -19.49 -18.00
N HIS A 50 1.37 -18.88 -16.90
CA HIS A 50 2.15 -19.59 -15.86
C HIS A 50 1.33 -20.03 -14.64
N LYS A 51 0.63 -19.10 -14.00
CA LYS A 51 -0.30 -19.41 -12.92
C LYS A 51 -1.73 -19.26 -13.46
N GLY A 52 -2.72 -19.28 -12.57
CA GLY A 52 -4.06 -18.83 -12.96
C GLY A 52 -4.08 -17.33 -13.30
N PRO A 53 -5.23 -16.82 -13.75
CA PRO A 53 -5.31 -15.38 -14.01
C PRO A 53 -5.40 -14.61 -12.69
N PRO A 54 -4.90 -13.37 -12.67
CA PRO A 54 -4.78 -12.67 -11.42
C PRO A 54 -6.08 -12.00 -11.00
N VAL A 55 -6.22 -11.73 -9.70
CA VAL A 55 -7.44 -11.12 -9.18
C VAL A 55 -7.60 -9.68 -9.69
N PHE A 56 -6.50 -8.94 -9.77
CA PHE A 56 -6.58 -7.56 -10.22
C PHE A 56 -6.08 -7.41 -11.64
N THR A 57 -6.77 -6.58 -12.41
CA THR A 57 -6.38 -6.33 -13.79
C THR A 57 -5.04 -5.57 -13.82
N GLN A 58 -4.31 -5.74 -14.92
CA GLN A 58 -3.02 -5.11 -15.07
C GLN A 58 -3.03 -3.59 -14.75
N GLU A 59 -4.01 -2.86 -15.26
CA GLU A 59 -4.01 -1.41 -15.04
C GLU A 59 -4.27 -1.09 -13.54
N GLU A 60 -5.09 -1.88 -12.86
CA GLU A 60 -5.13 -1.82 -11.39
C GLU A 60 -3.76 -2.06 -10.73
N ARG A 61 -2.99 -3.00 -11.27
CA ARG A 61 -1.74 -3.39 -10.66
C ARG A 61 -0.67 -2.38 -11.00
N TYR A 62 -0.69 -1.86 -12.21
CA TYR A 62 0.26 -0.81 -12.59
C TYR A 62 0.08 0.43 -11.71
N LYS A 63 -1.16 0.74 -11.37
CA LYS A 63 -1.44 1.94 -10.65
C LYS A 63 -1.05 1.80 -9.17
N MET A 64 -1.28 0.63 -8.61
CA MET A 64 -0.98 0.42 -7.21
C MET A 64 0.52 0.51 -6.97
N VAL A 65 1.28 -0.22 -7.75
CA VAL A 65 2.73 -0.22 -7.63
C VAL A 65 3.29 1.19 -7.76
N GLN A 66 2.72 1.96 -8.69
CA GLN A 66 3.22 3.30 -8.98
C GLN A 66 3.00 4.23 -7.77
N ALA A 67 2.09 3.82 -6.89
CA ALA A 67 1.64 4.62 -5.75
C ALA A 67 2.54 4.50 -4.54
N ILE A 68 3.41 3.48 -4.55
CA ILE A 68 4.32 3.23 -3.46
C ILE A 68 5.60 4.06 -3.59
N LYS A 69 5.96 4.73 -2.49
CA LYS A 69 6.89 5.85 -2.57
C LYS A 69 8.30 5.54 -3.00
N TRP A 70 8.71 4.29 -2.95
CA TRP A 70 10.07 3.92 -3.35
C TRP A 70 10.23 3.72 -4.87
N VAL A 71 9.11 3.44 -5.53
CA VAL A 71 9.06 3.14 -6.93
C VAL A 71 9.14 4.44 -7.73
N ASP A 72 10.08 4.52 -8.66
CA ASP A 72 10.24 5.71 -9.47
C ASP A 72 9.49 5.57 -10.78
N GLU A 73 9.49 4.38 -11.38
CA GLU A 73 8.68 4.15 -12.58
C GLU A 73 8.24 2.71 -12.69
N VAL A 74 7.17 2.47 -13.46
CA VAL A 74 6.57 1.16 -13.61
C VAL A 74 6.69 0.79 -15.09
N VAL A 75 7.33 -0.33 -15.40
CA VAL A 75 7.36 -0.76 -16.77
C VAL A 75 6.31 -1.84 -16.96
N PRO A 76 5.23 -1.54 -17.71
CA PRO A 76 4.15 -2.50 -17.95
C PRO A 76 4.55 -3.64 -18.89
N ALA A 77 3.77 -4.72 -18.91
CA ALA A 77 4.07 -5.90 -19.74
C ALA A 77 5.53 -6.37 -19.64
N ALA A 78 6.09 -6.35 -18.44
CA ALA A 78 7.43 -6.87 -18.23
C ALA A 78 7.39 -8.39 -18.42
N PRO A 79 8.44 -8.96 -19.03
CA PRO A 79 8.53 -10.41 -19.11
C PRO A 79 8.51 -11.09 -17.75
N TYR A 80 8.02 -12.34 -17.74
CA TYR A 80 7.85 -13.10 -16.50
C TYR A 80 9.18 -13.31 -15.73
N VAL A 81 10.21 -13.67 -16.49
CA VAL A 81 11.53 -13.99 -15.95
C VAL A 81 12.49 -12.88 -16.30
N THR A 82 13.20 -12.42 -15.31
CA THR A 82 14.18 -11.35 -15.48
C THR A 82 15.35 -11.78 -16.39
N THR A 83 15.72 -10.91 -17.33
CA THR A 83 16.86 -11.15 -18.21
C THR A 83 17.80 -9.94 -18.37
N LEU A 84 19.04 -10.21 -18.73
CA LEU A 84 20.01 -9.17 -19.04
C LEU A 84 19.49 -8.34 -20.20
N GLU A 85 18.81 -8.94 -21.17
CA GLU A 85 18.18 -8.15 -22.21
C GLU A 85 17.32 -7.02 -21.58
N THR A 86 16.53 -7.37 -20.57
CA THR A 86 15.66 -6.41 -19.89
C THR A 86 16.47 -5.40 -19.03
N LEU A 87 17.40 -5.89 -18.24
CA LEU A 87 18.26 -5.02 -17.47
C LEU A 87 19.03 -4.04 -18.36
N ASP A 88 19.68 -4.53 -19.40
CA ASP A 88 20.39 -3.65 -20.35
C ASP A 88 19.44 -2.63 -20.98
N LYS A 89 18.24 -3.08 -21.31
CA LYS A 89 17.21 -2.22 -21.95
C LYS A 89 16.69 -1.07 -21.07
N TYR A 90 16.67 -1.24 -19.74
CA TYR A 90 16.28 -0.15 -18.82
C TYR A 90 17.49 0.40 -18.01
N ASN A 91 18.69 0.27 -18.57
CA ASN A 91 19.95 0.66 -17.88
C ASN A 91 19.91 0.39 -16.37
N CYS A 92 19.66 -0.86 -16.00
CA CYS A 92 19.58 -1.23 -14.62
C CYS A 92 20.76 -2.10 -14.28
N ASP A 93 21.54 -1.64 -13.31
CA ASP A 93 22.75 -2.32 -12.86
C ASP A 93 22.55 -3.76 -12.40
N PHE A 94 21.42 -4.04 -11.75
CA PHE A 94 21.14 -5.38 -11.20
C PHE A 94 19.70 -5.52 -10.79
N CYS A 95 19.25 -6.73 -10.53
CA CYS A 95 17.86 -6.93 -10.07
C CYS A 95 17.79 -7.39 -8.63
N VAL A 96 16.59 -7.34 -8.08
CA VAL A 96 16.40 -7.70 -6.67
C VAL A 96 15.16 -8.54 -6.52
N HIS A 97 15.33 -9.74 -5.99
CA HIS A 97 14.21 -10.60 -5.67
C HIS A 97 14.31 -11.05 -4.20
N GLY A 98 13.18 -11.51 -3.65
CA GLY A 98 13.15 -12.20 -2.35
C GLY A 98 13.80 -13.55 -2.57
N ASN A 99 14.20 -14.24 -1.50
CA ASN A 99 15.04 -15.46 -1.66
C ASN A 99 14.35 -16.84 -1.83
N ASP A 100 13.48 -17.00 -2.83
CA ASP A 100 12.78 -18.29 -3.04
C ASP A 100 13.66 -19.32 -3.76
N ILE A 101 13.19 -20.57 -3.75
CA ILE A 101 13.81 -21.65 -4.52
C ILE A 101 13.25 -21.53 -5.93
N THR A 102 14.08 -21.15 -6.90
CA THR A 102 13.60 -20.85 -8.24
C THR A 102 14.30 -21.71 -9.26
N LEU A 103 13.81 -22.94 -9.44
CA LEU A 103 14.49 -23.93 -10.24
C LEU A 103 13.64 -24.45 -11.37
N THR A 104 14.27 -24.79 -12.49
CA THR A 104 13.58 -25.38 -13.64
C THR A 104 13.32 -26.83 -13.33
N VAL A 105 12.54 -27.52 -14.18
CA VAL A 105 12.23 -28.94 -13.95
C VAL A 105 13.49 -29.84 -13.83
N ASP A 106 14.57 -29.51 -14.55
CA ASP A 106 15.79 -30.35 -14.52
C ASP A 106 16.84 -29.94 -13.46
N GLY A 107 16.47 -28.99 -12.59
CA GLY A 107 17.30 -28.62 -11.42
C GLY A 107 18.21 -27.42 -11.58
N ARG A 108 18.11 -26.74 -12.74
CA ARG A 108 18.85 -25.49 -13.04
C ARG A 108 18.13 -24.24 -12.48
N ASP A 109 18.87 -23.15 -12.26
CA ASP A 109 18.28 -21.92 -11.72
C ASP A 109 17.50 -21.07 -12.77
N THR A 110 16.30 -20.63 -12.39
CA THR A 110 15.49 -19.78 -13.26
C THR A 110 16.26 -18.48 -13.57
N TYR A 111 17.01 -17.96 -12.60
CA TYR A 111 17.83 -16.75 -12.76
C TYR A 111 19.35 -17.04 -12.91
N GLU A 112 19.71 -18.06 -13.68
CA GLU A 112 21.12 -18.50 -13.83
C GLU A 112 21.94 -17.43 -14.56
N GLU A 113 21.45 -17.07 -15.75
CA GLU A 113 22.01 -16.04 -16.62
C GLU A 113 22.41 -14.81 -15.81
N VAL A 114 21.42 -14.27 -15.09
CA VAL A 114 21.58 -13.05 -14.31
C VAL A 114 22.55 -13.23 -13.15
N LYS A 115 22.44 -14.34 -12.42
CA LYS A 115 23.31 -14.60 -11.26
C LYS A 115 24.78 -14.72 -11.64
N GLN A 116 25.05 -15.43 -12.74
CA GLN A 116 26.41 -15.61 -13.26
C GLN A 116 27.02 -14.31 -13.81
N ALA A 117 26.18 -13.41 -14.31
CA ALA A 117 26.62 -12.09 -14.69
C ALA A 117 26.90 -11.15 -13.51
N GLY A 118 26.69 -11.62 -12.28
CA GLY A 118 26.87 -10.77 -11.08
C GLY A 118 25.81 -9.68 -10.90
N ARG A 119 24.64 -9.86 -11.51
CA ARG A 119 23.60 -8.84 -11.53
C ARG A 119 22.28 -9.25 -10.87
N TYR A 120 22.39 -9.98 -9.77
CA TYR A 120 21.23 -10.43 -9.03
C TYR A 120 21.43 -10.18 -7.53
N ARG A 121 20.50 -9.50 -6.88
CA ARG A 121 20.59 -9.30 -5.43
C ARG A 121 19.33 -9.81 -4.72
N GLU A 122 19.50 -10.24 -3.48
CA GLU A 122 18.39 -10.77 -2.67
C GLU A 122 18.08 -9.86 -1.48
N CYS A 123 16.81 -9.77 -1.15
CA CYS A 123 16.39 -9.18 0.10
C CYS A 123 15.62 -10.24 0.88
N LYS A 124 15.52 -10.01 2.18
CA LYS A 124 14.81 -10.93 3.04
C LYS A 124 13.32 -10.79 2.82
N ARG A 125 12.59 -11.90 2.93
CA ARG A 125 11.14 -11.90 3.04
C ARG A 125 10.63 -11.09 4.24
N THR A 126 9.51 -10.40 4.06
CA THR A 126 8.85 -9.66 5.13
C THR A 126 8.08 -10.61 6.03
N GLN A 127 8.28 -10.46 7.33
CA GLN A 127 7.52 -11.21 8.33
C GLN A 127 6.11 -10.69 8.47
N GLY A 128 5.20 -11.59 8.83
CA GLY A 128 3.85 -11.23 9.17
C GLY A 128 2.82 -11.27 8.06
N VAL A 129 3.18 -11.61 6.82
CA VAL A 129 2.19 -11.45 5.72
C VAL A 129 2.50 -12.18 4.42
N SER A 130 1.45 -12.60 3.72
CA SER A 130 1.57 -13.14 2.36
C SER A 130 0.21 -13.12 1.76
N THR A 131 0.09 -13.21 0.45
CA THR A 131 -1.21 -13.11 -0.19
C THR A 131 -2.10 -14.25 0.32
N THR A 132 -1.50 -15.42 0.49
CA THR A 132 -2.21 -16.62 0.92
C THR A 132 -2.76 -16.46 2.32
N ASP A 133 -1.91 -15.98 3.22
CA ASP A 133 -2.29 -15.65 4.59
C ASP A 133 -3.54 -14.79 4.53
N LEU A 134 -3.50 -13.80 3.66
CA LEU A 134 -4.58 -12.87 3.47
C LEU A 134 -5.81 -13.53 2.88
N VAL A 135 -5.62 -14.45 1.94
CA VAL A 135 -6.74 -15.23 1.41
C VAL A 135 -7.45 -15.97 2.53
N GLY A 136 -6.68 -16.52 3.45
CA GLY A 136 -7.25 -17.17 4.62
C GLY A 136 -8.07 -16.26 5.50
N ARG A 137 -7.67 -15.00 5.60
CA ARG A 137 -8.34 -14.06 6.48
C ARG A 137 -9.67 -13.70 5.89
N MET A 138 -9.70 -13.58 4.57
CA MET A 138 -10.94 -13.39 3.83
C MET A 138 -11.89 -14.61 3.98
N LEU A 139 -11.39 -15.83 3.85
CA LEU A 139 -12.23 -17.03 3.95
C LEU A 139 -12.90 -17.14 5.28
N LEU A 140 -12.18 -16.75 6.32
CA LEU A 140 -12.75 -16.63 7.69
C LEU A 140 -13.96 -15.72 7.79
N VAL A 141 -13.83 -14.57 7.15
CA VAL A 141 -14.84 -13.52 7.19
C VAL A 141 -16.14 -13.93 6.49
N THR A 142 -16.04 -14.75 5.45
CA THR A 142 -17.20 -15.10 4.59
C THR A 142 -17.90 -16.45 4.91
N LYS A 143 -17.28 -17.31 5.72
CA LYS A 143 -17.86 -18.61 6.05
C LYS A 143 -18.27 -18.66 7.51
N TRP A 172 -13.72 -10.47 17.69
CA TRP A 172 -12.43 -10.10 17.11
C TRP A 172 -11.33 -10.16 18.18
N THR A 173 -10.45 -11.17 18.09
CA THR A 173 -9.32 -11.32 19.03
C THR A 173 -7.93 -11.29 18.38
N GLY A 174 -7.83 -11.52 17.07
CA GLY A 174 -6.57 -11.30 16.32
C GLY A 174 -5.87 -12.54 15.76
N VAL A 175 -5.96 -12.71 14.44
CA VAL A 175 -5.32 -13.84 13.73
C VAL A 175 -3.89 -13.50 13.26
N SER A 176 -3.52 -12.23 13.34
CA SER A 176 -2.22 -11.74 12.87
C SER A 176 -1.09 -11.90 13.93
N GLN A 177 0.07 -12.31 13.40
CA GLN A 177 1.28 -12.55 14.16
C GLN A 177 2.48 -11.75 13.62
N PHE A 178 2.17 -10.75 12.80
CA PHE A 178 3.09 -9.67 12.51
C PHE A 178 3.60 -9.05 13.81
N LEU A 179 4.89 -8.71 13.86
CA LEU A 179 5.57 -8.21 15.04
C LEU A 179 6.07 -6.83 14.70
N GLN A 180 5.39 -5.82 15.23
CA GLN A 180 5.66 -4.45 14.88
C GLN A 180 6.77 -3.92 15.74
N THR A 181 7.59 -3.06 15.16
CA THR A 181 8.67 -2.45 15.91
C THR A 181 8.81 -1.01 15.54
N SER A 182 9.54 -0.26 16.37
CA SER A 182 9.86 1.12 16.01
C SER A 182 10.69 1.21 14.74
N GLN A 183 11.57 0.22 14.51
CA GLN A 183 12.46 0.27 13.38
C GLN A 183 11.64 0.09 12.10
N LYS A 184 10.63 -0.78 12.13
CA LYS A 184 9.82 -0.99 10.94
C LYS A 184 8.99 0.24 10.51
N ILE A 185 8.66 1.05 11.49
CA ILE A 185 7.93 2.27 11.31
C ILE A 185 8.88 3.34 10.86
N ILE A 186 10.08 3.39 11.42
CA ILE A 186 11.10 4.35 10.96
C ILE A 186 11.40 4.16 9.47
N GLN A 187 11.48 2.91 9.06
CA GLN A 187 11.83 2.59 7.68
C GLN A 187 10.74 2.98 6.71
N PHE A 188 9.49 2.93 7.17
CA PHE A 188 8.35 3.22 6.31
C PHE A 188 7.95 4.69 6.31
N ALA A 189 8.22 5.38 7.42
CA ALA A 189 7.75 6.76 7.57
C ALA A 189 8.65 7.71 6.79
N SER A 190 8.07 8.77 6.24
CA SER A 190 8.86 9.81 5.57
C SER A 190 9.60 10.65 6.64
N GLY A 191 8.96 10.81 7.79
CA GLY A 191 9.62 11.38 8.96
C GLY A 191 9.68 12.89 9.07
N LYS A 192 8.80 13.61 8.38
CA LYS A 192 8.85 15.08 8.28
C LYS A 192 7.74 15.80 9.03
N GLU A 193 8.09 16.89 9.67
CA GLU A 193 7.07 17.72 10.29
C GLU A 193 6.54 18.71 9.25
N PRO A 194 5.29 19.15 9.42
CA PRO A 194 4.75 20.17 8.51
C PRO A 194 5.59 21.46 8.51
N GLN A 195 6.17 21.78 7.35
CA GLN A 195 6.88 23.02 7.14
C GLN A 195 5.96 24.23 6.91
N PRO A 196 6.51 25.44 7.10
CA PRO A 196 5.70 26.63 6.82
C PRO A 196 5.32 26.65 5.34
N GLY A 197 4.05 26.94 5.04
CA GLY A 197 3.56 26.94 3.65
C GLY A 197 2.84 25.66 3.23
N GLU A 198 3.02 24.59 4.02
CA GLU A 198 2.40 23.32 3.73
C GLU A 198 0.98 23.31 4.30
N THR A 199 0.03 22.80 3.52
CA THR A 199 -1.38 22.78 3.95
C THR A 199 -1.76 21.45 4.57
N VAL A 200 -1.90 21.44 5.89
CA VAL A 200 -2.20 20.22 6.65
C VAL A 200 -3.63 19.74 6.38
N ILE A 201 -3.75 18.50 5.89
CA ILE A 201 -5.07 17.93 5.53
C ILE A 201 -5.28 16.59 6.21
N TYR A 202 -6.33 16.49 7.00
CA TYR A 202 -6.60 15.27 7.76
C TYR A 202 -7.69 14.47 7.04
N VAL A 203 -7.52 13.15 7.01
CA VAL A 203 -8.51 12.20 6.55
C VAL A 203 -8.47 11.04 7.55
N ALA A 204 -9.44 10.14 7.47
CA ALA A 204 -9.59 9.05 8.44
C ALA A 204 -10.40 7.85 7.94
N GLY A 205 -10.16 6.69 8.52
CA GLY A 205 -11.01 5.54 8.30
C GLY A 205 -10.35 4.23 8.64
N ALA A 206 -10.88 3.15 8.08
CA ALA A 206 -10.33 1.83 8.30
C ALA A 206 -9.03 1.60 7.51
N PHE A 207 -8.98 1.98 6.25
CA PHE A 207 -7.83 1.71 5.39
C PHE A 207 -7.36 0.23 5.39
N ASP A 208 -8.34 -0.68 5.53
CA ASP A 208 -8.14 -2.15 5.55
C ASP A 208 -7.88 -2.68 4.12
N LEU A 209 -6.86 -3.51 3.97
CA LEU A 209 -6.49 -4.03 2.67
C LEU A 209 -6.17 -2.92 1.70
N PHE A 210 -5.43 -1.95 2.20
CA PHE A 210 -5.07 -0.75 1.45
C PHE A 210 -4.99 -0.95 -0.08
N HIS A 211 -5.81 -0.26 -0.85
CA HIS A 211 -6.08 -0.59 -2.25
C HIS A 211 -6.24 0.67 -3.11
N ILE A 212 -6.36 0.42 -4.39
CA ILE A 212 -6.34 1.44 -5.41
C ILE A 212 -7.45 2.53 -5.19
N GLY A 213 -8.55 2.14 -4.53
CA GLY A 213 -9.60 3.09 -4.15
C GLY A 213 -9.11 4.13 -3.17
N HIS A 214 -8.38 3.70 -2.14
CA HIS A 214 -7.74 4.60 -1.19
C HIS A 214 -6.66 5.42 -1.85
N VAL A 215 -5.92 4.82 -2.77
CA VAL A 215 -4.92 5.59 -3.49
C VAL A 215 -5.55 6.67 -4.35
N ASP A 216 -6.65 6.36 -5.02
CA ASP A 216 -7.27 7.33 -5.90
C ASP A 216 -7.87 8.44 -5.09
N PHE A 217 -8.40 8.10 -3.92
CA PHE A 217 -8.92 9.10 -2.98
C PHE A 217 -7.82 10.05 -2.48
N LEU A 218 -6.77 9.45 -1.96
CA LEU A 218 -5.65 10.21 -1.39
C LEU A 218 -4.93 11.02 -2.47
N GLU A 219 -4.86 10.49 -3.68
CA GLU A 219 -4.18 11.21 -4.74
C GLU A 219 -4.94 12.45 -5.19
N LYS A 220 -6.26 12.42 -5.08
CA LYS A 220 -7.05 13.61 -5.35
C LYS A 220 -7.00 14.56 -4.17
N VAL A 221 -7.01 14.05 -2.95
CA VAL A 221 -6.87 14.91 -1.79
C VAL A 221 -5.57 15.70 -1.96
N HIS A 222 -4.54 15.03 -2.43
CA HIS A 222 -3.21 15.61 -2.55
C HIS A 222 -3.20 16.82 -3.52
N ARG A 223 -4.17 16.87 -4.42
CA ARG A 223 -4.30 18.01 -5.33
C ARG A 223 -4.90 19.26 -4.70
N LEU A 224 -5.35 19.18 -3.46
CA LEU A 224 -6.15 20.26 -2.88
C LEU A 224 -5.27 21.39 -2.41
N ALA A 225 -3.95 21.22 -2.46
CA ALA A 225 -3.04 22.32 -2.15
C ALA A 225 -1.74 22.27 -2.94
N GLU A 226 -1.01 23.37 -2.91
CA GLU A 226 0.24 23.48 -3.61
C GLU A 226 1.26 22.53 -3.00
N ARG A 227 1.34 22.56 -1.67
CA ARG A 227 2.28 21.76 -0.88
C ARG A 227 1.51 21.04 0.23
N PRO A 228 0.92 19.89 -0.07
CA PRO A 228 0.06 19.22 0.90
C PRO A 228 0.83 18.36 1.87
N TYR A 229 0.29 18.25 3.09
CA TYR A 229 0.85 17.42 4.14
C TYR A 229 -0.38 16.65 4.63
N ILE A 230 -0.55 15.42 4.16
CA ILE A 230 -1.72 14.60 4.49
C ILE A 230 -1.44 13.73 5.69
N ILE A 231 -2.37 13.81 6.64
CA ILE A 231 -2.37 12.96 7.82
C ILE A 231 -3.54 11.99 7.72
N ALA A 232 -3.27 10.71 7.95
CA ALA A 232 -4.31 9.70 7.83
C ALA A 232 -4.61 9.05 9.17
N GLY A 233 -5.84 9.25 9.61
CA GLY A 233 -6.28 8.66 10.87
C GLY A 233 -6.72 7.26 10.65
N LEU A 234 -6.22 6.34 11.48
CA LEU A 234 -6.54 4.97 11.36
C LEU A 234 -7.33 4.56 12.56
N HIS A 235 -8.57 4.18 12.33
CA HIS A 235 -9.42 3.71 13.40
C HIS A 235 -8.85 2.46 14.07
N PHE A 236 -9.04 2.38 15.41
CA PHE A 236 -8.64 1.18 16.15
C PHE A 236 -9.38 -0.05 15.60
N ASP A 237 -8.78 -1.20 15.81
CA ASP A 237 -9.34 -2.47 15.39
C ASP A 237 -10.68 -2.75 16.03
N GLN A 238 -10.78 -2.50 17.32
CA GLN A 238 -12.01 -2.73 18.04
C GLN A 238 -13.09 -1.85 17.44
N GLU A 239 -12.75 -0.62 17.04
CA GLU A 239 -13.78 0.29 16.48
C GLU A 239 -14.22 -0.20 15.09
N VAL A 240 -13.28 -0.67 14.30
CA VAL A 240 -13.59 -1.08 12.96
C VAL A 240 -14.48 -2.32 13.03
N ASN A 241 -14.14 -3.26 13.90
CA ASN A 241 -14.99 -4.43 14.07
C ASN A 241 -16.41 -4.07 14.44
N HIS A 242 -16.57 -3.06 15.29
CA HIS A 242 -17.89 -2.64 15.69
C HIS A 242 -18.70 -2.12 14.52
N TYR A 243 -18.16 -1.14 13.80
CA TYR A 243 -18.91 -0.51 12.69
C TYR A 243 -18.89 -1.32 11.36
N LYS A 244 -18.13 -2.41 11.32
CA LYS A 244 -17.94 -3.20 10.09
C LYS A 244 -18.35 -4.68 10.27
N GLY A 245 -18.67 -5.11 11.49
CA GLY A 245 -19.18 -6.45 11.75
C GLY A 245 -18.16 -7.55 11.57
N LYS A 246 -18.58 -8.76 11.92
CA LYS A 246 -17.90 -10.00 11.49
C LYS A 246 -16.49 -10.16 12.08
N ASN A 247 -15.52 -10.51 11.23
CA ASN A 247 -14.13 -10.64 11.66
C ASN A 247 -13.26 -9.51 11.07
N TYR A 248 -13.86 -8.36 10.82
CA TYR A 248 -13.11 -7.21 10.31
C TYR A 248 -12.51 -6.44 11.48
N PRO A 249 -11.34 -5.82 11.32
CA PRO A 249 -10.63 -5.69 10.07
C PRO A 249 -9.77 -6.88 9.71
N ILE A 250 -9.62 -7.12 8.43
CA ILE A 250 -8.73 -8.16 7.91
C ILE A 250 -7.32 -7.93 8.42
N MET A 251 -6.83 -6.70 8.23
CA MET A 251 -5.51 -6.31 8.69
C MET A 251 -5.61 -5.58 10.01
N ASN A 252 -4.59 -5.64 10.84
CA ASN A 252 -4.69 -4.95 12.12
C ASN A 252 -4.05 -3.56 12.12
N LEU A 253 -4.25 -2.78 13.17
CA LEU A 253 -3.79 -1.38 13.17
C LEU A 253 -2.31 -1.20 12.78
N HIS A 254 -1.46 -2.14 13.18
CA HIS A 254 -0.05 -2.06 12.91
C HIS A 254 0.26 -2.32 11.48
N GLU A 255 -0.45 -3.29 10.91
CA GLU A 255 -0.31 -3.64 9.51
C GLU A 255 -0.85 -2.51 8.69
N ARG A 256 -2.03 -2.00 9.08
CA ARG A 256 -2.65 -0.91 8.37
C ARG A 256 -1.73 0.32 8.45
N THR A 257 -0.99 0.47 9.57
CA THR A 257 -0.07 1.60 9.72
C THR A 257 0.94 1.60 8.59
N LEU A 258 1.53 0.43 8.35
CA LEU A 258 2.58 0.34 7.34
C LEU A 258 1.98 0.39 5.97
N SER A 259 0.90 -0.32 5.73
CA SER A 259 0.25 -0.28 4.44
C SER A 259 0.12 1.17 3.94
N VAL A 260 -0.31 2.04 4.85
CA VAL A 260 -0.74 3.41 4.52
C VAL A 260 0.45 4.36 4.47
N LEU A 261 1.50 4.06 5.22
CA LEU A 261 2.68 4.88 5.22
C LEU A 261 3.46 4.64 3.95
N ALA A 262 3.26 3.48 3.34
CA ALA A 262 3.94 3.18 2.09
C ALA A 262 3.45 4.06 0.93
N CYS A 263 2.30 4.72 1.07
CA CYS A 263 1.74 5.55 -0.01
C CYS A 263 2.42 6.91 -0.13
N ARG A 264 2.80 7.32 -1.33
CA ARG A 264 3.54 8.58 -1.53
C ARG A 264 2.76 9.86 -1.23
N TYR A 265 1.43 9.77 -1.16
CA TYR A 265 0.61 10.96 -0.90
C TYR A 265 0.45 11.22 0.63
N VAL A 266 0.96 10.28 1.46
CA VAL A 266 0.82 10.31 2.89
C VAL A 266 2.09 10.85 3.51
N SER A 267 1.95 11.76 4.46
CA SER A 267 3.07 12.39 5.13
C SER A 267 3.21 11.87 6.54
N GLU A 268 2.12 11.34 7.08
CA GLU A 268 2.04 10.97 8.48
C GLU A 268 0.75 10.20 8.76
N VAL A 269 0.76 9.42 9.85
CA VAL A 269 -0.38 8.61 10.26
C VAL A 269 -0.69 8.76 11.77
N VAL A 270 -1.98 8.78 12.13
CA VAL A 270 -2.41 8.68 13.51
C VAL A 270 -2.71 7.22 13.68
N ILE A 271 -1.96 6.60 14.61
CA ILE A 271 -2.04 5.17 14.89
C ILE A 271 -2.98 4.92 16.06
N GLY A 272 -4.25 4.75 15.73
CA GLY A 272 -5.30 4.72 16.69
C GLY A 272 -5.91 6.11 16.80
N ALA A 273 -6.67 6.52 15.79
CA ALA A 273 -7.38 7.81 15.81
C ALA A 273 -8.80 7.63 16.35
N PRO A 274 -9.37 8.68 16.94
CA PRO A 274 -10.77 8.53 17.33
C PRO A 274 -11.72 8.43 16.11
N TYR A 275 -12.91 7.89 16.29
CA TYR A 275 -13.89 7.84 15.22
C TYR A 275 -14.44 9.26 14.90
N ALA A 276 -14.69 10.05 15.94
CA ALA A 276 -15.15 11.41 15.76
C ALA A 276 -13.97 12.31 15.55
N VAL A 277 -14.03 13.17 14.55
CA VAL A 277 -12.94 14.13 14.34
C VAL A 277 -13.11 15.25 15.37
N THR A 278 -12.49 15.03 16.52
CA THR A 278 -12.59 15.93 17.63
C THR A 278 -11.88 17.28 17.43
N ALA A 279 -12.30 18.23 18.27
CA ALA A 279 -11.66 19.51 18.37
C ALA A 279 -10.21 19.39 18.82
N GLU A 280 -9.98 18.55 19.83
CA GLU A 280 -8.64 18.37 20.41
C GLU A 280 -7.69 17.97 19.29
N LEU A 281 -8.15 17.08 18.42
CA LEU A 281 -7.31 16.55 17.34
C LEU A 281 -6.96 17.62 16.33
N LEU A 282 -7.98 18.30 15.83
CA LEU A 282 -7.81 19.32 14.79
C LEU A 282 -6.86 20.39 15.28
N SER A 283 -6.95 20.71 16.55
CA SER A 283 -6.15 21.77 17.10
C SER A 283 -4.71 21.26 17.34
N HIS A 284 -4.60 20.03 17.86
CA HIS A 284 -3.31 19.35 18.04
C HIS A 284 -2.44 19.32 16.77
N PHE A 285 -3.01 18.85 15.67
CA PHE A 285 -2.25 18.74 14.42
C PHE A 285 -2.25 20.02 13.56
N LYS A 286 -2.91 21.08 14.03
CA LYS A 286 -3.09 22.34 13.29
C LYS A 286 -3.72 22.10 11.91
N VAL A 287 -4.80 21.33 11.86
CA VAL A 287 -5.37 20.84 10.60
C VAL A 287 -5.98 21.99 9.83
N ASP A 288 -5.63 22.17 8.56
CA ASP A 288 -6.24 23.23 7.73
C ASP A 288 -7.53 22.76 7.05
N LEU A 289 -7.65 21.45 6.85
CA LEU A 289 -8.62 20.90 5.96
C LEU A 289 -8.92 19.46 6.30
N VAL A 290 -10.17 19.02 6.08
CA VAL A 290 -10.60 17.63 6.33
C VAL A 290 -11.43 17.06 5.17
N CYS A 291 -11.09 15.86 4.71
CA CYS A 291 -11.81 15.24 3.61
C CYS A 291 -12.31 13.88 3.93
N HIS A 292 -13.38 13.51 3.23
CA HIS A 292 -13.89 12.13 3.18
C HIS A 292 -14.28 11.93 1.72
N GLY A 293 -14.26 10.67 1.30
CA GLY A 293 -14.62 10.31 -0.08
C GLY A 293 -16.12 10.12 -0.25
N LYS A 294 -16.53 9.45 -1.32
CA LYS A 294 -17.94 9.34 -1.63
C LYS A 294 -18.59 8.11 -1.00
N THR A 295 -17.87 7.40 -0.14
CA THR A 295 -18.45 6.27 0.58
C THR A 295 -19.39 6.75 1.68
N GLU A 296 -20.20 5.83 2.18
CA GLU A 296 -21.16 6.11 3.23
C GLU A 296 -20.43 6.46 4.54
N ILE A 297 -20.90 7.50 5.22
CA ILE A 297 -20.42 7.84 6.55
C ILE A 297 -21.37 7.22 7.53
N ILE A 298 -20.86 6.35 8.40
CA ILE A 298 -21.72 5.71 9.36
C ILE A 298 -21.83 6.61 10.60
N PRO A 299 -23.06 6.80 11.12
CA PRO A 299 -23.14 7.64 12.32
C PRO A 299 -22.30 7.15 13.52
N ASP A 300 -21.75 8.10 14.26
CA ASP A 300 -21.08 7.81 15.53
C ASP A 300 -22.10 7.19 16.49
N ARG A 301 -21.58 6.47 17.47
CA ARG A 301 -22.41 5.65 18.36
C ARG A 301 -23.61 6.38 18.98
N ASP A 302 -23.44 7.66 19.30
CA ASP A 302 -24.53 8.50 19.82
C ASP A 302 -25.44 9.11 18.73
N GLY A 303 -25.36 8.59 17.51
CA GLY A 303 -26.09 9.12 16.36
C GLY A 303 -25.39 10.21 15.56
N SER A 304 -24.49 10.97 16.19
CA SER A 304 -23.90 12.17 15.57
C SER A 304 -23.01 11.96 14.33
N ASP A 305 -22.92 13.01 13.54
CA ASP A 305 -22.03 13.07 12.39
C ASP A 305 -20.63 13.18 12.94
N PRO A 306 -19.80 12.15 12.72
CA PRO A 306 -18.43 12.26 13.19
C PRO A 306 -17.56 13.35 12.52
N TYR A 307 -18.03 13.90 11.39
CA TYR A 307 -17.40 15.06 10.75
C TYR A 307 -18.11 16.36 11.06
N GLN A 308 -18.84 16.44 12.15
CA GLN A 308 -19.58 17.67 12.45
C GLN A 308 -18.68 18.82 12.82
N GLU A 309 -17.59 18.53 13.49
CA GLU A 309 -16.72 19.55 14.03
C GLU A 309 -15.95 20.30 12.93
N PRO A 310 -15.40 19.57 11.95
CA PRO A 310 -14.80 20.30 10.79
C PRO A 310 -15.80 20.99 9.84
N LYS A 311 -17.02 20.46 9.72
CA LYS A 311 -18.11 21.15 9.04
C LYS A 311 -18.50 22.43 9.74
N ARG A 312 -18.56 22.43 11.07
CA ARG A 312 -18.77 23.66 11.83
C ARG A 312 -17.73 24.72 11.54
N ARG A 313 -16.46 24.34 11.53
CA ARG A 313 -15.40 25.31 11.18
C ARG A 313 -15.39 25.70 9.68
N GLY A 314 -16.15 25.00 8.84
CA GLY A 314 -16.14 25.29 7.42
C GLY A 314 -14.88 24.81 6.73
N ILE A 315 -14.26 23.73 7.23
CA ILE A 315 -13.06 23.18 6.63
C ILE A 315 -13.21 21.77 6.05
N PHE A 316 -14.41 21.20 6.16
CA PHE A 316 -14.75 19.95 5.48
C PHE A 316 -14.94 20.04 3.96
N ARG A 317 -14.36 19.11 3.22
CA ARG A 317 -14.57 19.06 1.80
C ARG A 317 -14.70 17.61 1.37
N GLN A 318 -15.79 17.29 0.69
CA GLN A 318 -15.96 15.96 0.14
C GLN A 318 -15.27 15.82 -1.23
N ILE A 319 -14.74 14.63 -1.49
CA ILE A 319 -13.96 14.30 -2.68
C ILE A 319 -14.51 13.06 -3.36
N ASP A 320 -14.41 12.98 -4.68
CA ASP A 320 -14.79 11.78 -5.38
C ASP A 320 -13.50 11.12 -5.88
N SER A 321 -13.23 9.91 -5.41
CA SER A 321 -12.07 9.12 -5.85
C SER A 321 -12.20 8.69 -7.29
N GLY A 322 -13.44 8.48 -7.73
CA GLY A 322 -13.73 7.80 -8.98
C GLY A 322 -13.66 6.28 -8.90
N SER A 323 -13.28 5.70 -7.77
CA SER A 323 -13.29 4.24 -7.61
C SER A 323 -14.46 3.80 -6.77
N ASN A 324 -14.93 2.61 -7.07
CA ASN A 324 -16.00 1.98 -6.30
C ASN A 324 -15.50 0.85 -5.39
N LEU A 325 -14.17 0.64 -5.40
CA LEU A 325 -13.55 -0.49 -4.72
C LEU A 325 -13.57 -0.37 -3.20
N THR A 326 -13.95 -1.44 -2.53
CA THR A 326 -13.99 -1.47 -1.07
C THR A 326 -13.37 -2.76 -0.59
N THR A 327 -13.11 -2.83 0.70
CA THR A 327 -12.57 -4.04 1.29
C THR A 327 -13.52 -5.23 1.03
N ASP A 328 -14.83 -5.01 1.08
CA ASP A 328 -15.82 -6.08 0.85
C ASP A 328 -15.84 -6.58 -0.58
N LEU A 329 -15.51 -5.72 -1.54
CA LEU A 329 -15.44 -6.14 -2.94
C LEU A 329 -14.16 -6.84 -3.24
N ILE A 330 -13.11 -6.59 -2.45
CA ILE A 330 -11.86 -7.27 -2.65
C ILE A 330 -12.00 -8.73 -2.21
N VAL A 331 -12.63 -8.93 -1.05
CA VAL A 331 -13.01 -10.26 -0.58
C VAL A 331 -13.78 -11.03 -1.67
N GLN A 332 -14.84 -10.45 -2.24
CA GLN A 332 -15.68 -11.16 -3.19
C GLN A 332 -14.98 -11.46 -4.53
N ARG A 333 -14.00 -10.64 -4.89
CA ARG A 333 -13.18 -10.88 -6.08
C ARG A 333 -12.09 -11.94 -5.85
N ILE A 334 -11.65 -12.04 -4.59
CA ILE A 334 -10.55 -12.90 -4.20
C ILE A 334 -11.01 -14.38 -3.90
N ILE A 335 -12.28 -14.56 -3.56
CA ILE A 335 -12.85 -15.88 -3.35
C ILE A 335 -13.74 -16.24 -4.54
N THR A 336 -13.33 -17.21 -5.33
CA THR A 336 -14.07 -17.60 -6.52
C THR A 336 -14.68 -18.99 -6.29
N ASN A 337 -14.98 -19.28 -5.03
CA ASN A 337 -15.74 -20.45 -4.61
C ASN A 337 -16.14 -20.31 -3.15
#